data_5DRU
#
_entry.id   5DRU
#
_cell.length_a   138.448
_cell.length_b   138.448
_cell.length_c   84.758
_cell.angle_alpha   90.00
_cell.angle_beta   90.00
_cell.angle_gamma   90.00
#
_symmetry.space_group_name_H-M   'I 41 2 2'
#
loop_
_entity.id
_entity.type
_entity.pdbx_description
1 polymer 'Aldehyde Dehydrogenase'
2 non-polymer 'SULFATE ION'
3 water water
#
_entity_poly.entity_id   1
_entity_poly.type   'polypeptide(L)'
_entity_poly.pdbx_seq_one_letter_code
;MGQLTQTNKTELGVFDDMNQAIEAAKEAQLVVKKMSMDQREKIISAIRKKTIEHAETLARMAVEETGMGNVGHKILKHQL
VAEKTPGTEDITTTAWSGDRGLTLVEMGPFGVIGAITPCTNPSETIICNTIGMLAGGNTVVFNPHPAAIKTSNFAVQLIN
EASLSAGGPVNIACSVRKPTLDSSKIMMSHQDIPLIAATGGPGVVTAVLQSGKRGIGAGAGNPPVLVDETADIRKAAEDI
INGCTFDNNLPCIAEKEVVAIDAIANELMNYMVKEQGCYAITKEQQEKLTNLVITPKGLNRNCVGKDARTLLGMIGIDVP
SNIRCIIFEGEKEHPLISEELMMPILGIVRAKSFDDAVEKAVWLEHGNRASAHIHSKNVDRITTYAKAIDTAILVKNAPS
YAAIGFGGEGFCTFTIASRTGEGLTSASTFTKRRRCVMSDSLCIR
;
_entity_poly.pdbx_strand_id   A
#
loop_
_chem_comp.id
_chem_comp.type
_chem_comp.name
_chem_comp.formula
SO4 non-polymer 'SULFATE ION' 'O4 S -2'
#
# COMPACT_ATOMS: atom_id res chain seq x y z
N GLU A 11 -3.30 27.51 -3.66
CA GLU A 11 -2.49 26.30 -3.79
C GLU A 11 -2.91 25.44 -5.00
N LEU A 12 -1.91 25.04 -5.78
CA LEU A 12 -2.12 24.39 -7.07
C LEU A 12 -2.84 23.05 -7.03
N GLY A 13 -3.94 22.96 -7.78
CA GLY A 13 -4.74 21.75 -7.84
C GLY A 13 -5.64 21.55 -6.64
N VAL A 14 -5.49 22.43 -5.65
CA VAL A 14 -6.25 22.32 -4.42
C VAL A 14 -7.34 23.37 -4.54
N PHE A 15 -8.52 23.04 -4.02
CA PHE A 15 -9.71 23.87 -4.19
C PHE A 15 -10.46 23.98 -2.87
N ASP A 16 -11.34 24.98 -2.78
CA ASP A 16 -12.12 25.22 -1.58
C ASP A 16 -13.13 24.12 -1.34
N ASP A 17 -13.72 23.61 -2.42
CA ASP A 17 -14.67 22.51 -2.28
C ASP A 17 -14.56 21.50 -3.39
N MET A 18 -15.22 20.37 -3.15
CA MET A 18 -15.10 19.19 -3.98
C MET A 18 -15.73 19.39 -5.36
N ASN A 19 -16.82 20.15 -5.46
CA ASN A 19 -17.43 20.30 -6.78
C ASN A 19 -16.47 21.04 -7.72
N GLN A 20 -15.77 22.05 -7.19
CA GLN A 20 -14.71 22.76 -7.91
C GLN A 20 -13.53 21.83 -8.28
N ALA A 21 -13.12 21.01 -7.33
CA ALA A 21 -12.06 20.05 -7.60
C ALA A 21 -12.44 19.19 -8.81
N ILE A 22 -13.64 18.63 -8.75
CA ILE A 22 -14.09 17.70 -9.76
C ILE A 22 -14.20 18.40 -11.14
N GLU A 23 -14.81 19.58 -11.17
CA GLU A 23 -14.91 20.33 -12.40
C GLU A 23 -13.54 20.63 -13.01
N ALA A 24 -12.60 21.13 -12.22
CA ALA A 24 -11.27 21.42 -12.76
C ALA A 24 -10.66 20.16 -13.34
N ALA A 25 -10.79 19.07 -12.61
CA ALA A 25 -10.24 17.79 -13.01
C ALA A 25 -10.87 17.29 -14.31
N LYS A 26 -12.16 17.54 -14.45
CA LYS A 26 -12.93 17.10 -15.61
C LYS A 26 -12.46 17.85 -16.87
N GLU A 27 -12.28 19.17 -16.77
CA GLU A 27 -11.63 19.99 -17.83
C GLU A 27 -10.24 19.48 -18.28
N ALA A 28 -9.30 19.36 -17.35
CA ALA A 28 -7.97 18.81 -17.65
C ALA A 28 -8.05 17.46 -18.34
N GLN A 29 -9.02 16.64 -17.92
CA GLN A 29 -9.10 15.28 -18.49
C GLN A 29 -9.46 15.31 -19.98
N LEU A 30 -10.16 16.36 -20.40
CA LEU A 30 -10.49 16.51 -21.83
C LEU A 30 -9.25 16.73 -22.66
N VAL A 31 -8.23 17.32 -22.06
CA VAL A 31 -6.95 17.43 -22.75
C VAL A 31 -6.18 16.12 -22.56
N VAL A 32 -6.26 15.53 -21.39
CA VAL A 32 -5.45 14.33 -21.14
C VAL A 32 -5.89 13.16 -22.06
N LYS A 33 -7.18 13.04 -22.36
CA LYS A 33 -7.61 11.84 -23.10
C LYS A 33 -7.14 11.93 -24.53
N LYS A 34 -6.77 13.13 -24.99
CA LYS A 34 -6.32 13.30 -26.37
C LYS A 34 -4.81 13.53 -26.48
N MET A 35 -4.11 13.42 -25.35
CA MET A 35 -2.66 13.51 -25.32
C MET A 35 -2.00 12.23 -25.81
N SER A 36 -0.89 12.31 -26.51
CA SER A 36 -0.18 11.09 -26.92
C SER A 36 0.37 10.38 -25.69
N MET A 37 0.82 9.14 -25.88
CA MET A 37 1.57 8.44 -24.84
C MET A 37 2.85 9.21 -24.48
N ASP A 38 3.44 9.86 -25.47
CA ASP A 38 4.74 10.50 -25.29
C ASP A 38 4.59 11.73 -24.42
N GLN A 39 3.47 12.42 -24.60
CA GLN A 39 3.13 13.63 -23.83
C GLN A 39 2.81 13.29 -22.37
N ARG A 40 2.08 12.19 -22.18
CA ARG A 40 1.73 11.70 -20.85
C ARG A 40 2.99 11.26 -20.13
N GLU A 41 3.84 10.52 -20.84
CA GLU A 41 5.08 9.97 -20.29
C GLU A 41 6.06 11.10 -19.90
N LYS A 42 5.98 12.25 -20.58
CA LYS A 42 6.81 13.41 -20.23
C LYS A 42 6.34 14.02 -18.90
N ILE A 43 5.03 14.25 -18.81
CA ILE A 43 4.45 14.73 -17.58
C ILE A 43 4.75 13.74 -16.47
N ILE A 44 4.57 12.44 -16.74
CA ILE A 44 4.92 11.40 -15.78
C ILE A 44 6.43 11.39 -15.40
N SER A 45 7.30 11.51 -16.41
CA SER A 45 8.73 11.58 -16.15
C SER A 45 9.09 12.77 -15.24
N ALA A 46 8.46 13.91 -15.48
CA ALA A 46 8.67 15.06 -14.58
C ALA A 46 8.05 14.82 -13.15
N ILE A 47 6.93 14.13 -13.06
CA ILE A 47 6.45 13.79 -11.71
C ILE A 47 7.51 12.87 -11.02
N ARG A 48 8.06 11.89 -11.73
CA ARG A 48 9.02 11.01 -11.09
C ARG A 48 10.18 11.88 -10.57
N LYS A 49 10.65 12.77 -11.43
CA LYS A 49 11.80 13.59 -11.07
C LYS A 49 11.45 14.48 -9.88
N LYS A 50 10.27 15.09 -9.89
CA LYS A 50 9.86 16.02 -8.81
C LYS A 50 9.74 15.30 -7.50
N THR A 51 9.28 14.06 -7.56
CA THR A 51 9.12 13.22 -6.38
C THR A 51 10.47 12.93 -5.69
N ILE A 52 11.45 12.54 -6.48
CA ILE A 52 12.79 12.26 -5.96
C ILE A 52 13.41 13.51 -5.30
N GLU A 53 13.31 14.64 -6.01
CA GLU A 53 13.86 15.94 -5.59
C GLU A 53 13.26 16.40 -4.25
N HIS A 54 12.02 16.00 -4.00
CA HIS A 54 11.27 16.45 -2.83
C HIS A 54 10.90 15.34 -1.85
N ALA A 55 11.44 14.12 -2.01
CA ALA A 55 11.12 13.02 -1.09
C ALA A 55 11.56 13.32 0.36
N GLU A 56 12.58 14.15 0.51
CA GLU A 56 13.05 14.48 1.85
C GLU A 56 11.98 15.37 2.45
N THR A 57 11.56 16.40 1.70
CA THR A 57 10.48 17.25 2.17
C THR A 57 9.17 16.43 2.42
N LEU A 58 8.73 15.61 1.48
CA LEU A 58 7.51 14.82 1.65
C LEU A 58 7.58 13.95 2.92
N ALA A 59 8.68 13.24 3.08
CA ALA A 59 8.87 12.38 4.23
C ALA A 59 8.83 13.10 5.57
N ARG A 60 9.63 14.16 5.75
CA ARG A 60 9.62 14.83 7.05
C ARG A 60 8.23 15.48 7.27
N MET A 61 7.55 15.89 6.20
CA MET A 61 6.19 16.45 6.34
C MET A 61 5.23 15.44 6.99
N ALA A 62 5.22 14.24 6.45
CA ALA A 62 4.38 13.17 6.95
C ALA A 62 4.66 12.84 8.39
N VAL A 63 5.92 12.59 8.72
CA VAL A 63 6.27 12.37 10.12
C VAL A 63 5.85 13.54 11.02
N GLU A 64 6.02 14.75 10.53
CA GLU A 64 5.80 15.95 11.35
C GLU A 64 4.31 16.19 11.53
N GLU A 65 3.54 15.92 10.47
CA GLU A 65 2.10 16.16 10.50
C GLU A 65 1.31 15.05 11.20
N THR A 66 1.65 13.80 10.89
CA THR A 66 0.91 12.66 11.43
C THR A 66 1.50 12.17 12.75
N GLY A 67 2.80 12.38 12.97
CA GLY A 67 3.49 11.82 14.11
C GLY A 67 3.93 10.40 13.88
N MET A 68 3.73 9.90 12.68
CA MET A 68 3.94 8.47 12.38
C MET A 68 5.07 8.19 11.40
N GLY A 69 5.65 7.00 11.53
CA GLY A 69 6.64 6.48 10.61
C GLY A 69 7.96 7.13 10.91
N ASN A 70 8.84 7.15 9.92
CA ASN A 70 10.11 7.86 10.02
C ASN A 70 10.58 8.31 8.65
N VAL A 71 11.51 9.25 8.68
CA VAL A 71 11.91 9.97 7.49
C VAL A 71 12.76 9.13 6.50
N GLY A 72 13.82 8.47 6.96
CA GLY A 72 14.63 7.66 6.09
C GLY A 72 13.84 6.59 5.35
N HIS A 73 12.91 5.94 6.02
CA HIS A 73 12.12 4.95 5.34
C HIS A 73 11.13 5.63 4.40
N LYS A 74 10.59 6.78 4.78
CA LYS A 74 9.59 7.39 3.91
C LYS A 74 10.28 7.89 2.63
N ILE A 75 11.56 8.29 2.74
CA ILE A 75 12.32 8.78 1.59
C ILE A 75 12.49 7.64 0.59
N LEU A 76 12.78 6.44 1.09
CA LEU A 76 12.92 5.25 0.26
C LEU A 76 11.61 4.85 -0.38
N LYS A 77 10.53 5.01 0.37
CA LYS A 77 9.16 4.71 -0.14
C LYS A 77 8.86 5.55 -1.39
N HIS A 78 9.15 6.84 -1.27
CA HIS A 78 8.95 7.82 -2.32
C HIS A 78 9.85 7.57 -3.53
N GLN A 79 11.05 7.05 -3.28
CA GLN A 79 11.98 6.76 -4.36
C GLN A 79 11.53 5.48 -5.12
N LEU A 80 10.96 4.55 -4.39
CA LEU A 80 10.40 3.33 -4.97
C LEU A 80 9.23 3.72 -5.91
N VAL A 81 8.39 4.66 -5.48
CA VAL A 81 7.24 5.11 -6.27
C VAL A 81 7.72 5.72 -7.56
N ALA A 82 8.75 6.55 -7.45
CA ALA A 82 9.24 7.29 -8.63
C ALA A 82 9.86 6.34 -9.65
N GLU A 83 10.68 5.43 -9.16
CA GLU A 83 11.38 4.45 -9.99
C GLU A 83 10.43 3.37 -10.54
N LYS A 84 9.61 2.76 -9.69
CA LYS A 84 8.95 1.53 -10.10
C LYS A 84 7.41 1.52 -10.31
N THR A 85 6.71 2.60 -10.06
CA THR A 85 5.33 2.74 -10.49
C THR A 85 5.25 2.71 -12.01
N PRO A 86 4.40 1.83 -12.55
CA PRO A 86 4.29 1.73 -14.00
C PRO A 86 3.77 3.03 -14.63
N GLY A 87 4.34 3.42 -15.76
CA GLY A 87 3.79 4.53 -16.55
C GLY A 87 3.06 4.04 -17.81
N THR A 88 3.27 4.67 -18.96
CA THR A 88 2.43 4.35 -20.12
C THR A 88 2.77 3.02 -20.83
N GLU A 89 3.95 2.45 -20.58
CA GLU A 89 4.22 1.07 -20.96
C GLU A 89 3.22 0.03 -20.32
N ASP A 90 2.57 0.39 -19.21
CA ASP A 90 1.57 -0.46 -18.63
C ASP A 90 0.24 -0.50 -19.46
N ILE A 91 0.02 0.47 -20.35
CA ILE A 91 -1.13 0.47 -21.25
C ILE A 91 -0.89 -0.41 -22.48
N THR A 92 -1.63 -1.52 -22.59
CA THR A 92 -1.34 -2.49 -23.64
C THR A 92 -2.55 -2.80 -24.52
N THR A 93 -2.30 -3.50 -25.63
CA THR A 93 -3.27 -3.76 -26.67
C THR A 93 -3.17 -5.21 -27.04
N THR A 94 -4.29 -5.88 -27.28
CA THR A 94 -4.23 -7.25 -27.73
C THR A 94 -4.90 -7.31 -29.11
N ALA A 95 -4.41 -8.20 -29.98
CA ALA A 95 -4.88 -8.35 -31.35
C ALA A 95 -5.18 -9.81 -31.62
N TRP A 96 -6.36 -10.08 -32.18
CA TRP A 96 -6.68 -11.37 -32.81
C TRP A 96 -6.98 -11.15 -34.29
N SER A 97 -6.26 -11.83 -35.17
CA SER A 97 -6.56 -11.73 -36.58
C SER A 97 -6.73 -13.12 -37.22
N GLY A 98 -7.58 -13.17 -38.22
CA GLY A 98 -7.85 -14.41 -38.93
C GLY A 98 -8.70 -14.13 -40.15
N ASP A 99 -9.43 -15.12 -40.65
CA ASP A 99 -10.19 -14.94 -41.86
C ASP A 99 -11.22 -13.82 -41.70
N ARG A 100 -11.77 -13.71 -40.49
CA ARG A 100 -12.82 -12.76 -40.25
C ARG A 100 -12.29 -11.35 -39.90
N GLY A 101 -10.98 -11.15 -40.04
CA GLY A 101 -10.43 -9.79 -39.90
C GLY A 101 -9.47 -9.56 -38.77
N LEU A 102 -9.52 -8.35 -38.22
CA LEU A 102 -8.76 -8.04 -37.06
C LEU A 102 -9.63 -7.55 -35.92
N THR A 103 -9.43 -8.15 -34.76
CA THR A 103 -10.06 -7.63 -33.51
C THR A 103 -9.02 -7.09 -32.53
N LEU A 104 -9.18 -5.85 -32.12
CA LEU A 104 -8.31 -5.19 -31.17
C LEU A 104 -9.03 -5.03 -29.87
N VAL A 105 -8.30 -5.16 -28.78
CA VAL A 105 -8.82 -4.82 -27.46
C VAL A 105 -7.87 -3.80 -26.84
N GLU A 106 -8.43 -2.66 -26.51
CA GLU A 106 -7.72 -1.53 -25.92
C GLU A 106 -8.20 -1.19 -24.51
N MET A 107 -7.38 -0.37 -23.87
CA MET A 107 -7.58 0.12 -22.52
C MET A 107 -7.83 1.61 -22.67
N GLY A 108 -9.10 2.01 -22.56
CA GLY A 108 -9.50 3.38 -22.74
C GLY A 108 -9.68 4.07 -21.42
N PRO A 109 -9.70 5.39 -21.42
CA PRO A 109 -9.78 6.04 -20.10
C PRO A 109 -11.14 5.85 -19.43
N PHE A 110 -11.19 5.86 -18.10
CA PHE A 110 -12.47 6.06 -17.39
C PHE A 110 -13.01 7.48 -17.46
N GLY A 111 -12.17 8.44 -17.02
CA GLY A 111 -12.50 9.84 -17.01
C GLY A 111 -11.82 10.48 -15.82
N VAL A 112 -12.62 11.19 -15.01
CA VAL A 112 -12.21 11.66 -13.71
C VAL A 112 -12.43 10.57 -12.64
N ILE A 113 -11.33 10.03 -12.14
CA ILE A 113 -11.35 9.08 -11.03
C ILE A 113 -11.31 9.79 -9.68
N GLY A 114 -12.12 9.35 -8.72
CA GLY A 114 -12.01 9.87 -7.35
C GLY A 114 -11.10 8.95 -6.57
N ALA A 115 -10.35 9.49 -5.60
CA ALA A 115 -9.45 8.64 -4.79
C ALA A 115 -9.51 9.04 -3.35
N ILE A 116 -9.45 8.06 -2.49
CA ILE A 116 -9.47 8.30 -1.05
C ILE A 116 -8.21 7.62 -0.58
N THR A 117 -7.43 8.39 0.17
CA THR A 117 -6.06 8.06 0.50
C THR A 117 -5.78 8.13 2.02
N PRO A 118 -4.78 7.38 2.49
CA PRO A 118 -4.52 7.14 3.91
C PRO A 118 -3.54 8.15 4.53
N CYS A 119 -3.42 8.10 5.86
CA CYS A 119 -2.47 8.95 6.57
C CYS A 119 -1.18 8.20 6.79
N THR A 120 -1.09 6.96 6.32
CA THR A 120 0.13 6.16 6.53
C THR A 120 1.18 6.35 5.42
N ASN A 121 0.74 6.25 4.16
CA ASN A 121 1.54 6.49 2.96
C ASN A 121 0.86 7.57 2.11
N PRO A 122 0.60 8.70 2.75
CA PRO A 122 -0.30 9.66 2.09
C PRO A 122 0.18 10.11 0.71
N SER A 123 1.41 10.59 0.61
CA SER A 123 1.84 11.22 -0.62
C SER A 123 2.34 10.13 -1.55
N GLU A 124 2.72 8.99 -1.00
CA GLU A 124 3.13 7.90 -1.85
C GLU A 124 1.93 7.43 -2.63
N THR A 125 0.78 7.41 -1.97
CA THR A 125 -0.42 6.85 -2.61
C THR A 125 -0.88 7.81 -3.68
N ILE A 126 -0.88 9.10 -3.33
CA ILE A 126 -1.38 10.14 -4.17
C ILE A 126 -0.60 10.11 -5.48
N ILE A 127 0.72 9.95 -5.37
CA ILE A 127 1.59 10.08 -6.52
C ILE A 127 1.60 8.81 -7.34
N CYS A 128 1.56 7.66 -6.67
CA CYS A 128 1.48 6.40 -7.37
C CYS A 128 0.16 6.31 -8.18
N ASN A 129 -0.96 6.62 -7.53
CA ASN A 129 -2.26 6.68 -8.19
C ASN A 129 -2.23 7.58 -9.44
N THR A 130 -1.60 8.73 -9.29
CA THR A 130 -1.62 9.73 -10.34
C THR A 130 -0.79 9.26 -11.53
N ILE A 131 0.38 8.72 -11.26
CA ILE A 131 1.19 8.23 -12.36
C ILE A 131 0.35 7.22 -13.16
N GLY A 132 -0.30 6.31 -12.45
CA GLY A 132 -1.00 5.23 -13.10
C GLY A 132 -2.17 5.84 -13.83
N MET A 133 -2.89 6.70 -13.15
CA MET A 133 -4.17 7.11 -13.65
C MET A 133 -3.99 8.00 -14.85
N LEU A 134 -2.96 8.84 -14.77
CA LEU A 134 -2.65 9.74 -15.86
C LEU A 134 -2.20 8.94 -17.09
N ALA A 135 -1.40 7.90 -16.87
CA ALA A 135 -0.90 7.09 -17.94
C ALA A 135 -2.04 6.59 -18.79
N GLY A 136 -3.20 6.34 -18.17
CA GLY A 136 -4.33 5.80 -18.89
C GLY A 136 -5.28 6.86 -19.43
N GLY A 137 -4.96 8.15 -19.31
CA GLY A 137 -5.82 9.17 -19.93
C GLY A 137 -6.86 9.68 -18.98
N ASN A 138 -6.68 9.34 -17.71
CA ASN A 138 -7.58 9.82 -16.67
C ASN A 138 -6.97 11.06 -16.02
N THR A 139 -7.80 11.80 -15.32
CA THR A 139 -7.32 12.64 -14.21
C THR A 139 -7.90 12.09 -12.94
N VAL A 140 -7.56 12.73 -11.82
CA VAL A 140 -7.90 12.20 -10.52
C VAL A 140 -8.19 13.32 -9.52
N VAL A 141 -9.19 13.09 -8.70
CA VAL A 141 -9.54 13.99 -7.61
C VAL A 141 -9.39 13.26 -6.29
N PHE A 142 -8.58 13.85 -5.40
CA PHE A 142 -8.33 13.28 -4.09
C PHE A 142 -9.10 13.91 -2.97
N ASN A 143 -9.54 13.03 -2.05
CA ASN A 143 -10.05 13.46 -0.75
C ASN A 143 -9.11 12.82 0.29
N PRO A 144 -8.03 13.54 0.62
CA PRO A 144 -6.94 13.01 1.45
C PRO A 144 -7.33 12.80 2.89
N HIS A 145 -6.60 11.95 3.62
CA HIS A 145 -6.90 11.68 5.02
C HIS A 145 -6.69 13.02 5.76
N PRO A 146 -7.58 13.38 6.68
CA PRO A 146 -7.40 14.74 7.25
C PRO A 146 -6.16 14.90 8.18
N ALA A 147 -5.64 13.79 8.70
CA ALA A 147 -4.40 13.75 9.50
C ALA A 147 -3.17 14.10 8.69
N ALA A 148 -3.26 13.94 7.38
CA ALA A 148 -2.12 14.07 6.48
C ALA A 148 -2.47 14.98 5.32
N ILE A 149 -3.39 15.91 5.57
CA ILE A 149 -3.88 16.84 4.55
C ILE A 149 -2.78 17.73 3.97
N LYS A 150 -1.85 18.19 4.82
CA LYS A 150 -0.82 19.14 4.35
C LYS A 150 0.12 18.41 3.42
N THR A 151 0.58 17.27 3.91
CA THR A 151 1.44 16.39 3.18
C THR A 151 0.83 16.02 1.85
N SER A 152 -0.45 15.70 1.91
CA SER A 152 -1.17 15.19 0.76
C SER A 152 -1.32 16.25 -0.29
N ASN A 153 -1.81 17.42 0.14
CA ASN A 153 -1.96 18.53 -0.78
C ASN A 153 -0.62 19.11 -1.24
N PHE A 154 0.46 18.93 -0.47
CA PHE A 154 1.77 19.28 -0.98
C PHE A 154 2.10 18.34 -2.15
N ALA A 155 1.96 17.03 -1.95
CA ALA A 155 2.11 16.11 -3.08
C ALA A 155 1.28 16.56 -4.29
N VAL A 156 0.00 16.87 -4.10
CA VAL A 156 -0.84 17.34 -5.22
C VAL A 156 -0.23 18.53 -5.94
N GLN A 157 0.26 19.49 -5.14
CA GLN A 157 0.72 20.74 -5.71
C GLN A 157 1.97 20.43 -6.51
N LEU A 158 2.80 19.48 -6.02
CA LEU A 158 4.01 19.03 -6.74
C LEU A 158 3.70 18.49 -8.13
N ILE A 159 2.63 17.71 -8.22
CA ILE A 159 2.30 17.08 -9.48
C ILE A 159 1.89 18.10 -10.53
N ASN A 160 1.09 19.06 -10.09
CA ASN A 160 0.73 20.14 -10.97
C ASN A 160 1.97 20.96 -11.33
N GLU A 161 2.90 21.19 -10.39
CA GLU A 161 4.17 21.82 -10.72
C GLU A 161 4.84 21.02 -11.84
N ALA A 162 4.90 19.70 -11.65
CA ALA A 162 5.55 18.82 -12.62
C ALA A 162 4.90 18.89 -14.01
N SER A 163 3.56 18.88 -14.05
CA SER A 163 2.83 19.02 -15.32
C SER A 163 2.93 20.41 -15.93
N LEU A 164 2.89 21.43 -15.08
CA LEU A 164 3.17 22.75 -15.56
C LEU A 164 4.55 22.75 -16.22
N SER A 165 5.52 22.07 -15.62
CA SER A 165 6.87 22.09 -16.19
C SER A 165 6.89 21.46 -17.58
N ALA A 166 6.02 20.49 -17.82
CA ALA A 166 6.10 19.69 -19.02
C ALA A 166 5.05 20.15 -20.04
N GLY A 167 4.66 21.41 -19.95
CA GLY A 167 3.79 21.99 -20.94
C GLY A 167 2.29 21.96 -20.63
N GLY A 168 1.92 21.28 -19.56
CA GLY A 168 0.56 21.37 -19.09
C GLY A 168 -0.05 20.00 -19.26
N PRO A 169 -1.33 19.85 -18.86
CA PRO A 169 -2.17 20.93 -18.35
C PRO A 169 -2.09 21.06 -16.83
N VAL A 170 -2.67 22.14 -16.31
CA VAL A 170 -2.80 22.27 -14.87
C VAL A 170 -4.02 21.39 -14.46
N ASN A 171 -4.04 20.90 -13.20
CA ASN A 171 -5.22 20.19 -12.64
C ASN A 171 -5.44 18.76 -13.12
N ILE A 172 -4.35 18.08 -13.40
CA ILE A 172 -4.38 16.64 -13.64
C ILE A 172 -4.70 15.88 -12.36
N ALA A 173 -4.25 16.46 -11.24
CA ALA A 173 -4.61 16.00 -9.90
C ALA A 173 -5.21 17.17 -9.15
N CYS A 174 -6.37 16.98 -8.54
CA CYS A 174 -6.95 18.00 -7.71
C CYS A 174 -7.22 17.48 -6.32
N SER A 175 -7.35 18.40 -5.40
CA SER A 175 -7.75 18.08 -4.04
C SER A 175 -8.53 19.21 -3.39
N VAL A 176 -8.89 19.03 -2.13
CA VAL A 176 -9.62 20.05 -1.43
C VAL A 176 -8.76 20.55 -0.29
N ARG A 177 -9.01 21.79 0.09
CA ARG A 177 -8.20 22.41 1.11
C ARG A 177 -8.46 21.72 2.42
N LYS A 178 -9.74 21.43 2.69
CA LYS A 178 -10.17 20.81 3.93
C LYS A 178 -11.04 19.57 3.64
N PRO A 179 -10.44 18.38 3.65
CA PRO A 179 -11.29 17.19 3.53
C PRO A 179 -12.17 16.96 4.73
N THR A 180 -13.36 16.44 4.49
CA THR A 180 -14.36 16.18 5.50
C THR A 180 -15.07 14.89 5.11
N LEU A 181 -16.19 14.60 5.75
CA LEU A 181 -17.03 13.52 5.28
C LEU A 181 -18.00 14.05 4.24
N ASP A 182 -18.31 15.35 4.31
CA ASP A 182 -19.22 15.97 3.35
C ASP A 182 -18.59 16.01 1.97
N SER A 183 -17.30 16.34 1.94
CA SER A 183 -16.57 16.45 0.67
C SER A 183 -16.36 15.07 0.03
N SER A 184 -16.31 14.03 0.85
CA SER A 184 -16.16 12.66 0.36
C SER A 184 -17.50 12.07 -0.09
N LYS A 185 -18.57 12.49 0.55
CA LYS A 185 -19.91 12.11 0.14
C LYS A 185 -20.25 12.73 -1.22
N ILE A 186 -19.75 13.94 -1.48
CA ILE A 186 -19.99 14.65 -2.73
C ILE A 186 -19.27 13.98 -3.89
N MET A 187 -18.00 13.59 -3.69
CA MET A 187 -17.28 12.70 -4.62
C MET A 187 -18.03 11.40 -4.95
N MET A 188 -18.53 10.74 -3.92
CA MET A 188 -19.10 9.40 -4.10
C MET A 188 -20.50 9.44 -4.67
N SER A 189 -21.07 10.63 -4.79
CA SER A 189 -22.37 10.76 -5.44
C SER A 189 -22.24 11.68 -6.65
N HIS A 190 -21.00 11.93 -7.10
CA HIS A 190 -20.81 12.84 -8.20
C HIS A 190 -20.92 12.09 -9.51
N GLN A 191 -21.78 12.59 -10.37
CA GLN A 191 -22.06 11.94 -11.63
C GLN A 191 -20.92 12.06 -12.61
N ASP A 192 -20.00 12.97 -12.36
CA ASP A 192 -18.86 13.10 -13.25
C ASP A 192 -17.77 12.06 -12.93
N ILE A 193 -17.99 11.29 -11.85
CA ILE A 193 -16.98 10.34 -11.38
C ILE A 193 -17.45 8.89 -11.49
N PRO A 194 -16.92 8.10 -12.44
CA PRO A 194 -17.43 6.72 -12.56
C PRO A 194 -16.63 5.73 -11.73
N LEU A 195 -15.40 6.02 -11.31
CA LEU A 195 -14.59 5.07 -10.58
C LEU A 195 -14.07 5.80 -9.37
N ILE A 196 -14.03 5.10 -8.24
CA ILE A 196 -13.30 5.57 -7.08
C ILE A 196 -12.30 4.52 -6.67
N ALA A 197 -11.05 4.94 -6.46
CA ALA A 197 -10.10 4.07 -5.77
C ALA A 197 -10.07 4.45 -4.27
N ALA A 198 -10.41 3.47 -3.44
CA ALA A 198 -10.38 3.61 -2.00
C ALA A 198 -9.14 2.92 -1.42
N THR A 199 -8.17 3.69 -0.92
CA THR A 199 -7.01 3.14 -0.20
C THR A 199 -7.10 3.52 1.28
N GLY A 200 -7.53 2.57 2.11
CA GLY A 200 -7.84 2.84 3.49
C GLY A 200 -8.42 1.64 4.18
N GLY A 201 -8.90 1.84 5.40
CA GLY A 201 -9.55 0.79 6.18
C GLY A 201 -10.87 0.30 5.61
N PRO A 202 -11.49 -0.67 6.27
CA PRO A 202 -12.69 -1.29 5.72
C PRO A 202 -13.86 -0.33 5.69
N GLY A 203 -13.85 0.66 6.57
CA GLY A 203 -14.95 1.61 6.66
C GLY A 203 -15.14 2.38 5.37
N VAL A 204 -14.04 2.89 4.85
CA VAL A 204 -14.07 3.74 3.67
C VAL A 204 -14.26 2.89 2.40
N VAL A 205 -13.73 1.68 2.41
CA VAL A 205 -13.84 0.83 1.26
C VAL A 205 -15.29 0.42 1.13
N THR A 206 -15.87 -0.03 2.24
CA THR A 206 -17.27 -0.43 2.22
C THR A 206 -18.12 0.70 1.69
N ALA A 207 -17.74 1.93 2.03
CA ALA A 207 -18.56 3.07 1.71
C ALA A 207 -18.48 3.36 0.23
N VAL A 208 -17.34 3.10 -0.40
CA VAL A 208 -17.25 3.38 -1.82
C VAL A 208 -17.98 2.29 -2.62
N LEU A 209 -18.11 1.09 -2.06
CA LEU A 209 -18.76 0.03 -2.79
C LEU A 209 -20.25 0.10 -2.59
N GLN A 210 -20.69 1.14 -1.89
CA GLN A 210 -22.10 1.50 -1.74
C GLN A 210 -22.42 2.77 -2.50
N SER A 211 -21.47 3.26 -3.26
CA SER A 211 -21.64 4.56 -3.90
C SER A 211 -22.46 4.56 -5.21
N GLY A 212 -22.60 3.40 -5.86
CA GLY A 212 -23.31 3.34 -7.13
C GLY A 212 -22.35 3.44 -8.30
N LYS A 213 -21.08 3.60 -7.97
CA LYS A 213 -19.97 3.57 -8.90
C LYS A 213 -19.14 2.32 -8.65
N ARG A 214 -18.34 1.95 -9.63
CA ARG A 214 -17.33 0.96 -9.41
C ARG A 214 -16.34 1.45 -8.38
N GLY A 215 -16.08 0.63 -7.38
CA GLY A 215 -15.12 0.92 -6.35
C GLY A 215 -14.00 -0.09 -6.43
N ILE A 216 -12.78 0.40 -6.42
CA ILE A 216 -11.58 -0.45 -6.33
C ILE A 216 -11.11 -0.34 -4.91
N GLY A 217 -11.13 -1.47 -4.23
CA GLY A 217 -11.16 -1.47 -2.79
C GLY A 217 -9.91 -2.07 -2.18
N ALA A 218 -9.11 -1.23 -1.55
CA ALA A 218 -7.90 -1.73 -0.91
C ALA A 218 -8.12 -1.85 0.59
N GLY A 219 -8.63 -3.01 1.02
CA GLY A 219 -8.96 -3.28 2.42
C GLY A 219 -7.77 -3.56 3.33
N ALA A 220 -8.02 -3.92 4.58
CA ALA A 220 -6.93 -4.10 5.54
C ALA A 220 -6.44 -5.53 5.61
N GLY A 221 -5.49 -5.77 6.51
CA GLY A 221 -4.92 -7.09 6.74
C GLY A 221 -4.22 -7.22 8.09
N ASN A 222 -3.56 -8.35 8.25
CA ASN A 222 -2.75 -8.69 9.41
C ASN A 222 -1.65 -9.66 8.98
N PRO A 223 -0.69 -9.19 8.16
CA PRO A 223 0.09 -10.21 7.44
C PRO A 223 0.95 -11.06 8.37
N PRO A 224 0.70 -12.38 8.38
CA PRO A 224 1.60 -13.33 9.06
C PRO A 224 2.82 -13.72 8.25
N VAL A 225 3.87 -14.09 8.94
CA VAL A 225 5.03 -14.67 8.28
C VAL A 225 5.32 -15.99 8.94
N LEU A 226 5.16 -17.05 8.14
CA LEU A 226 5.56 -18.39 8.50
C LEU A 226 7.06 -18.68 8.31
N VAL A 227 7.66 -19.28 9.33
CA VAL A 227 9.04 -19.76 9.25
C VAL A 227 9.13 -21.22 9.61
N ASP A 228 9.53 -22.08 8.66
CA ASP A 228 9.70 -23.49 9.01
C ASP A 228 11.15 -23.88 9.21
N GLU A 229 11.40 -25.18 9.32
CA GLU A 229 12.69 -25.67 9.74
C GLU A 229 13.68 -25.77 8.58
N THR A 230 13.18 -25.59 7.35
CA THR A 230 14.04 -25.60 6.14
C THR A 230 14.55 -24.21 5.80
N ALA A 231 13.97 -23.20 6.43
CA ALA A 231 14.35 -21.81 6.22
C ALA A 231 15.80 -21.54 6.60
N ASP A 232 16.37 -20.56 5.92
CA ASP A 232 17.59 -19.92 6.37
C ASP A 232 17.19 -19.04 7.56
N ILE A 233 17.56 -19.42 8.77
CA ILE A 233 16.96 -18.82 9.97
C ILE A 233 17.54 -17.46 10.27
N ARG A 234 18.86 -17.34 10.10
CA ARG A 234 19.55 -16.07 10.34
C ARG A 234 19.04 -15.01 9.38
N LYS A 235 18.87 -15.40 8.12
CA LYS A 235 18.36 -14.48 7.11
C LYS A 235 16.86 -14.25 7.34
N ALA A 236 16.13 -15.27 7.76
CA ALA A 236 14.71 -15.07 8.10
C ALA A 236 14.56 -14.01 9.20
N ALA A 237 15.40 -14.07 10.24
CA ALA A 237 15.37 -13.07 11.30
C ALA A 237 15.53 -11.66 10.72
N GLU A 238 16.59 -11.51 9.95
CA GLU A 238 16.92 -10.21 9.34
C GLU A 238 15.76 -9.66 8.50
N ASP A 239 15.26 -10.49 7.60
CA ASP A 239 14.23 -10.07 6.67
C ASP A 239 12.95 -9.68 7.38
N ILE A 240 12.60 -10.41 8.45
CA ILE A 240 11.29 -10.20 9.10
C ILE A 240 11.34 -8.90 9.91
N ILE A 241 12.42 -8.67 10.63
CA ILE A 241 12.49 -7.40 11.36
C ILE A 241 12.56 -6.26 10.39
N ASN A 242 13.48 -6.33 9.43
CA ASN A 242 13.55 -5.29 8.41
C ASN A 242 12.18 -4.99 7.86
N GLY A 243 11.47 -6.04 7.50
CA GLY A 243 10.13 -5.89 6.95
C GLY A 243 9.13 -5.39 7.96
N CYS A 244 9.16 -5.94 9.17
CA CYS A 244 8.17 -5.48 10.14
C CYS A 244 8.37 -4.01 10.56
N THR A 245 9.62 -3.60 10.67
CA THR A 245 9.94 -2.32 11.25
C THR A 245 10.00 -1.22 10.20
N PHE A 246 9.81 -1.56 8.94
CA PHE A 246 9.90 -0.59 7.88
C PHE A 246 8.85 0.48 8.05
N ASP A 247 9.29 1.74 8.11
CA ASP A 247 8.42 2.88 8.40
C ASP A 247 7.54 2.59 9.61
N ASN A 248 8.19 2.02 10.63
CA ASN A 248 7.57 1.77 11.91
C ASN A 248 6.27 0.95 11.83
N ASN A 249 6.24 0.03 10.87
CA ASN A 249 5.19 -0.96 10.65
C ASN A 249 3.91 -0.41 10.02
N LEU A 250 3.91 0.87 9.64
CA LEU A 250 2.76 1.49 8.92
C LEU A 250 2.22 0.74 7.72
N PRO A 251 3.11 0.24 6.84
CA PRO A 251 2.56 -0.36 5.60
C PRO A 251 1.68 -1.61 5.78
N CYS A 252 0.63 -1.64 4.95
CA CYS A 252 -0.39 -2.68 5.01
C CYS A 252 0.23 -4.04 4.86
N ILE A 253 1.27 -4.11 4.02
CA ILE A 253 1.92 -5.39 3.70
C ILE A 253 2.85 -5.94 4.76
N ALA A 254 3.37 -5.06 5.63
CA ALA A 254 4.43 -5.45 6.57
C ALA A 254 4.01 -6.58 7.46
N GLU A 255 4.97 -7.47 7.71
CA GLU A 255 4.82 -8.49 8.68
C GLU A 255 4.30 -7.90 9.99
N LYS A 256 3.29 -8.53 10.60
CA LYS A 256 2.76 -8.03 11.89
C LYS A 256 2.61 -9.12 12.95
N GLU A 257 3.01 -10.31 12.56
CA GLU A 257 3.08 -11.42 13.49
C GLU A 257 3.82 -12.57 12.78
N VAL A 258 4.51 -13.38 13.56
CA VAL A 258 5.27 -14.54 13.10
C VAL A 258 4.59 -15.83 13.54
N VAL A 259 4.67 -16.87 12.71
CA VAL A 259 4.38 -18.22 13.14
C VAL A 259 5.63 -19.08 12.89
N ALA A 260 6.20 -19.60 13.94
CA ALA A 260 7.44 -20.36 13.87
C ALA A 260 7.28 -21.87 14.19
N ILE A 261 7.82 -22.71 13.32
CA ILE A 261 7.86 -24.13 13.58
C ILE A 261 8.66 -24.28 14.86
N ASP A 262 8.17 -25.11 15.78
CA ASP A 262 8.71 -25.14 17.13
C ASP A 262 10.24 -25.36 17.20
N ALA A 263 10.69 -26.39 16.52
CA ALA A 263 12.10 -26.74 16.49
C ALA A 263 13.10 -25.60 16.20
N ILE A 264 12.73 -24.60 15.40
CA ILE A 264 13.68 -23.50 15.10
C ILE A 264 13.25 -22.16 15.69
N ALA A 265 12.19 -22.16 16.48
CA ALA A 265 11.62 -20.91 16.96
C ALA A 265 12.57 -20.16 17.90
N ASN A 266 13.33 -20.91 18.72
CA ASN A 266 14.33 -20.33 19.65
C ASN A 266 15.49 -19.71 18.87
N GLU A 267 16.01 -20.44 17.90
CA GLU A 267 17.07 -19.93 17.03
C GLU A 267 16.64 -18.63 16.32
N LEU A 268 15.41 -18.59 15.81
CA LEU A 268 14.95 -17.41 15.14
C LEU A 268 14.94 -16.23 16.12
N MET A 269 14.21 -16.40 17.22
CA MET A 269 14.02 -15.34 18.21
C MET A 269 15.35 -14.90 18.78
N ASN A 270 16.25 -15.85 19.06
CA ASN A 270 17.61 -15.57 19.51
C ASN A 270 18.31 -14.63 18.55
N TYR A 271 18.25 -14.98 17.27
CA TYR A 271 18.89 -14.18 16.25
C TYR A 271 18.28 -12.78 16.28
N MET A 272 16.98 -12.72 16.49
CA MET A 272 16.27 -11.44 16.47
C MET A 272 16.80 -10.51 17.56
N VAL A 273 16.98 -11.05 18.77
CA VAL A 273 17.51 -10.25 19.87
C VAL A 273 18.95 -9.88 19.62
N LYS A 274 19.74 -10.84 19.16
CA LYS A 274 21.20 -10.71 19.21
C LYS A 274 21.79 -9.91 18.02
N GLU A 275 21.00 -9.76 16.94
CA GLU A 275 21.47 -9.21 15.67
C GLU A 275 20.53 -8.22 15.00
N GLN A 276 19.25 -8.25 15.38
CA GLN A 276 18.25 -7.43 14.69
C GLN A 276 17.62 -6.31 15.55
N GLY A 277 18.20 -6.04 16.72
CA GLY A 277 17.68 -4.99 17.58
C GLY A 277 16.32 -5.27 18.18
N CYS A 278 16.07 -6.53 18.57
CA CYS A 278 14.82 -6.88 19.22
C CYS A 278 14.94 -6.96 20.74
N TYR A 279 13.82 -6.63 21.37
CA TYR A 279 13.72 -6.62 22.81
C TYR A 279 12.55 -7.48 23.24
N ALA A 280 12.86 -8.58 23.87
CA ALA A 280 11.88 -9.53 24.33
C ALA A 280 11.22 -9.03 25.61
N ILE A 281 9.89 -8.94 25.61
CA ILE A 281 9.17 -8.52 26.81
C ILE A 281 8.56 -9.71 27.53
N THR A 282 8.55 -9.60 28.86
CA THR A 282 7.92 -10.55 29.79
C THR A 282 6.41 -10.49 29.79
N LYS A 283 5.77 -11.47 30.42
CA LYS A 283 4.32 -11.52 30.47
C LYS A 283 3.82 -10.21 31.08
N GLU A 284 4.45 -9.83 32.19
CA GLU A 284 4.18 -8.57 32.86
C GLU A 284 4.19 -7.39 31.87
N GLN A 285 5.32 -7.18 31.21
CA GLN A 285 5.48 -6.07 30.27
C GLN A 285 4.49 -6.15 29.09
N GLN A 286 4.11 -7.36 28.69
CA GLN A 286 3.12 -7.53 27.64
C GLN A 286 1.78 -6.89 28.00
N GLU A 287 1.35 -7.11 29.23
CA GLU A 287 0.07 -6.59 29.70
C GLU A 287 0.02 -5.06 29.80
N LYS A 288 1.10 -4.42 30.24
CA LYS A 288 1.09 -2.96 30.28
C LYS A 288 1.14 -2.38 28.84
N LEU A 289 1.71 -3.12 27.89
CA LEU A 289 1.80 -2.59 26.53
C LEU A 289 0.48 -2.74 25.82
N THR A 290 -0.15 -3.92 26.00
CA THR A 290 -1.51 -4.14 25.56
C THR A 290 -2.45 -3.07 26.13
N ASN A 291 -2.31 -2.79 27.41
CA ASN A 291 -3.15 -1.77 28.02
C ASN A 291 -2.87 -0.41 27.40
N LEU A 292 -1.65 -0.20 26.98
CA LEU A 292 -1.30 1.08 26.38
C LEU A 292 -1.85 1.13 24.98
N VAL A 293 -1.49 0.17 24.16
CA VAL A 293 -1.75 0.31 22.73
C VAL A 293 -3.18 -0.07 22.35
N ILE A 294 -3.89 -0.79 23.22
CA ILE A 294 -5.31 -1.04 22.98
C ILE A 294 -6.22 -0.46 24.06
N THR A 295 -6.91 0.61 23.67
CA THR A 295 -7.74 1.36 24.57
C THR A 295 -9.18 0.90 24.42
N PRO A 296 -10.02 1.34 25.34
CA PRO A 296 -11.46 1.15 25.20
C PRO A 296 -12.00 1.79 23.92
N LYS A 297 -11.17 2.66 23.31
CA LYS A 297 -11.55 3.37 22.10
C LYS A 297 -11.02 2.66 20.86
N GLY A 298 -10.35 1.53 21.09
CA GLY A 298 -9.77 0.77 20.02
C GLY A 298 -8.29 1.04 20.05
N LEU A 299 -7.71 1.19 18.87
CA LEU A 299 -6.29 1.37 18.70
C LEU A 299 -5.83 2.75 19.19
N ASN A 300 -4.64 2.83 19.78
CA ASN A 300 -4.16 4.08 20.35
C ASN A 300 -3.49 4.91 19.26
N ARG A 301 -4.17 5.94 18.77
CA ARG A 301 -3.67 6.76 17.66
C ARG A 301 -2.31 7.36 17.97
N ASN A 302 -1.98 7.43 19.25
CA ASN A 302 -0.74 8.03 19.72
C ASN A 302 0.42 7.05 19.69
N CYS A 303 0.12 5.81 19.34
CA CYS A 303 1.07 4.74 19.36
C CYS A 303 1.32 4.26 17.95
N VAL A 304 0.28 4.33 17.13
CA VAL A 304 0.39 3.88 15.74
C VAL A 304 1.60 4.55 15.02
N GLY A 305 2.52 3.72 14.54
CA GLY A 305 3.60 4.16 13.66
C GLY A 305 4.76 4.75 14.45
N LYS A 306 4.82 4.39 15.75
CA LYS A 306 5.86 4.88 16.69
C LYS A 306 7.00 3.90 16.79
N ASP A 307 8.24 4.37 16.92
CA ASP A 307 9.30 3.38 16.95
C ASP A 307 9.29 2.66 18.33
N ALA A 308 9.93 1.51 18.38
CA ALA A 308 9.82 0.61 19.51
C ALA A 308 10.46 1.22 20.78
N ARG A 309 11.54 1.96 20.57
CA ARG A 309 12.13 2.64 21.72
C ARG A 309 11.10 3.59 22.31
N THR A 310 10.30 4.22 21.47
CA THR A 310 9.33 5.19 21.95
C THR A 310 8.21 4.44 22.65
N LEU A 311 7.82 3.28 22.11
CA LEU A 311 6.69 2.59 22.71
C LEU A 311 7.10 1.99 24.03
N LEU A 312 8.28 1.40 24.08
CA LEU A 312 8.83 0.88 25.33
C LEU A 312 8.93 1.97 26.37
N GLY A 313 9.36 3.14 25.93
CA GLY A 313 9.54 4.25 26.84
C GLY A 313 8.22 4.69 27.43
N MET A 314 7.16 4.62 26.63
CA MET A 314 5.83 5.04 27.07
C MET A 314 5.27 4.18 28.21
N ILE A 315 5.71 2.92 28.34
CA ILE A 315 5.34 2.09 29.49
C ILE A 315 6.47 2.05 30.53
N GLY A 316 7.36 3.04 30.46
CA GLY A 316 8.41 3.21 31.45
C GLY A 316 9.56 2.23 31.32
N ILE A 317 9.69 1.58 30.15
CA ILE A 317 10.84 0.72 29.92
C ILE A 317 11.89 1.44 29.10
N ASP A 318 13.04 1.65 29.71
CA ASP A 318 14.13 2.33 29.06
C ASP A 318 15.00 1.28 28.39
N VAL A 319 15.33 1.54 27.13
CA VAL A 319 16.07 0.61 26.31
C VAL A 319 17.06 1.41 25.46
N PRO A 320 18.14 0.74 25.02
CA PRO A 320 19.17 1.37 24.18
C PRO A 320 18.63 1.81 22.81
N SER A 321 19.27 2.81 22.19
CA SER A 321 18.78 3.40 20.96
C SER A 321 18.80 2.37 19.83
N ASN A 322 19.60 1.32 20.00
CA ASN A 322 19.70 0.29 18.99
C ASN A 322 18.55 -0.74 19.03
N ILE A 323 17.51 -0.45 19.79
CA ILE A 323 16.35 -1.34 19.84
C ILE A 323 15.27 -0.84 18.91
N ARG A 324 14.79 -1.70 18.01
CA ARG A 324 13.88 -1.24 16.96
C ARG A 324 12.61 -2.08 16.88
N CYS A 325 12.55 -3.19 17.60
CA CYS A 325 11.37 -4.04 17.59
C CYS A 325 11.10 -4.74 18.95
N ILE A 326 9.82 -4.79 19.33
CA ILE A 326 9.35 -5.50 20.54
C ILE A 326 8.89 -6.88 20.11
N ILE A 327 9.54 -7.94 20.59
CA ILE A 327 9.10 -9.30 20.26
C ILE A 327 8.76 -10.08 21.53
N PHE A 328 7.88 -11.07 21.42
CA PHE A 328 7.57 -11.97 22.53
C PHE A 328 6.94 -13.21 21.95
N GLU A 329 6.87 -14.27 22.75
CA GLU A 329 6.20 -15.51 22.35
C GLU A 329 4.80 -15.49 22.93
N GLY A 330 3.78 -15.72 22.09
CA GLY A 330 2.42 -15.79 22.59
C GLY A 330 1.47 -16.65 21.76
N GLU A 331 0.29 -16.94 22.32
CA GLU A 331 -0.79 -17.60 21.57
C GLU A 331 -1.27 -16.67 20.47
N LYS A 332 -1.97 -17.20 19.45
CA LYS A 332 -2.42 -16.40 18.33
C LYS A 332 -3.52 -15.43 18.72
N GLU A 333 -4.28 -15.72 19.77
CA GLU A 333 -5.32 -14.80 20.21
C GLU A 333 -4.80 -13.61 20.99
N HIS A 334 -3.52 -13.64 21.34
CA HIS A 334 -2.95 -12.53 22.07
C HIS A 334 -3.23 -11.27 21.29
N PRO A 335 -3.80 -10.26 21.96
CA PRO A 335 -4.26 -9.12 21.16
C PRO A 335 -3.13 -8.28 20.50
N LEU A 336 -1.88 -8.40 20.93
CA LEU A 336 -0.76 -7.79 20.18
C LEU A 336 -0.37 -8.66 18.96
N ILE A 337 -0.96 -9.84 18.89
CA ILE A 337 -0.66 -10.79 17.82
C ILE A 337 -1.83 -10.86 16.85
N SER A 338 -3.05 -10.86 17.37
CA SER A 338 -4.21 -11.02 16.53
C SER A 338 -4.65 -9.72 15.87
N GLU A 339 -4.25 -8.59 16.45
CA GLU A 339 -4.73 -7.29 15.97
C GLU A 339 -3.70 -6.54 15.14
N GLU A 340 -4.15 -5.92 14.04
CA GLU A 340 -3.28 -5.12 13.21
C GLU A 340 -2.98 -3.82 14.00
N LEU A 341 -1.73 -3.58 14.33
CA LEU A 341 -1.37 -2.45 15.21
C LEU A 341 -0.68 -1.37 14.45
N MET A 342 -0.03 -1.73 13.35
CA MET A 342 0.88 -0.83 12.71
C MET A 342 1.85 -0.25 13.73
N MET A 343 2.57 -1.14 14.42
CA MET A 343 3.57 -0.80 15.41
C MET A 343 4.67 -1.86 15.31
N PRO A 344 5.92 -1.47 15.57
CA PRO A 344 7.01 -2.47 15.55
C PRO A 344 6.86 -3.42 16.76
N ILE A 345 5.72 -4.09 16.83
CA ILE A 345 5.41 -5.05 17.89
C ILE A 345 5.10 -6.40 17.23
N LEU A 346 5.95 -7.39 17.46
CA LEU A 346 5.93 -8.64 16.68
C LEU A 346 5.95 -9.87 17.60
N GLY A 347 4.79 -10.50 17.74
CA GLY A 347 4.67 -11.73 18.53
C GLY A 347 5.10 -12.91 17.69
N ILE A 348 5.69 -13.91 18.35
CA ILE A 348 6.01 -15.20 17.73
C ILE A 348 5.04 -16.27 18.24
N VAL A 349 4.38 -16.98 17.32
CA VAL A 349 3.45 -18.03 17.69
C VAL A 349 4.11 -19.35 17.34
N ARG A 350 4.37 -20.17 18.38
CA ARG A 350 5.04 -21.48 18.23
C ARG A 350 4.03 -22.52 17.72
N ALA A 351 4.48 -23.43 16.82
CA ALA A 351 3.60 -24.37 16.11
C ALA A 351 4.20 -25.78 16.03
N LYS A 352 3.36 -26.77 16.34
CA LYS A 352 3.72 -28.19 16.41
C LYS A 352 4.31 -28.65 15.08
N SER A 353 3.70 -28.19 13.99
CA SER A 353 3.88 -28.79 12.68
C SER A 353 3.58 -27.78 11.58
N PHE A 354 3.98 -28.08 10.35
CA PHE A 354 3.71 -27.16 9.26
C PHE A 354 2.21 -26.98 9.12
N ASP A 355 1.47 -28.07 9.25
CA ASP A 355 0.04 -28.01 9.07
C ASP A 355 -0.57 -27.18 10.17
N ASP A 356 -0.12 -27.36 11.40
CA ASP A 356 -0.57 -26.49 12.46
C ASP A 356 -0.14 -25.04 12.16
N ALA A 357 1.10 -24.84 11.70
CA ALA A 357 1.56 -23.51 11.30
C ALA A 357 0.65 -22.86 10.25
N VAL A 358 0.34 -23.57 9.18
CA VAL A 358 -0.60 -23.07 8.21
C VAL A 358 -1.94 -22.68 8.87
N GLU A 359 -2.56 -23.55 9.66
CA GLU A 359 -3.83 -23.17 10.31
C GLU A 359 -3.69 -21.90 11.15
N LYS A 360 -2.67 -21.80 11.98
CA LYS A 360 -2.50 -20.62 12.80
C LYS A 360 -2.40 -19.39 11.88
N ALA A 361 -1.60 -19.49 10.82
CA ALA A 361 -1.36 -18.30 9.97
C ALA A 361 -2.64 -17.83 9.32
N VAL A 362 -3.48 -18.79 8.98
CA VAL A 362 -4.72 -18.53 8.29
C VAL A 362 -5.72 -17.84 9.22
N TRP A 363 -5.85 -18.31 10.44
CA TRP A 363 -6.66 -17.55 11.39
C TRP A 363 -6.15 -16.10 11.49
N LEU A 364 -4.85 -15.96 11.67
CA LEU A 364 -4.24 -14.66 11.90
C LEU A 364 -4.47 -13.66 10.74
N GLU A 365 -4.46 -14.17 9.51
CA GLU A 365 -4.73 -13.36 8.30
C GLU A 365 -6.18 -12.87 8.25
N HIS A 366 -7.05 -13.55 8.97
CA HIS A 366 -8.42 -13.08 9.25
C HIS A 366 -9.29 -12.98 8.01
N GLY A 367 -9.04 -13.84 7.03
CA GLY A 367 -9.91 -13.92 5.87
C GLY A 367 -9.79 -12.70 4.98
N ASN A 368 -8.75 -11.89 5.21
CA ASN A 368 -8.59 -10.68 4.41
C ASN A 368 -8.09 -10.96 2.99
N ARG A 369 -7.35 -12.05 2.83
CA ARG A 369 -6.71 -12.41 1.56
C ARG A 369 -5.91 -11.18 1.04
N ALA A 370 -5.21 -10.53 1.99
CA ALA A 370 -4.41 -9.33 1.75
C ALA A 370 -2.95 -9.75 1.49
N SER A 371 -2.16 -9.86 2.55
CA SER A 371 -0.75 -10.18 2.44
C SER A 371 -0.33 -11.27 3.41
N ALA A 372 0.61 -12.12 3.01
CA ALA A 372 1.15 -13.13 3.90
C ALA A 372 2.54 -13.51 3.45
N HIS A 373 3.33 -14.08 4.33
CA HIS A 373 4.74 -14.28 4.01
C HIS A 373 5.24 -15.64 4.46
N ILE A 374 6.25 -16.16 3.79
CA ILE A 374 6.84 -17.40 4.23
C ILE A 374 8.34 -17.40 4.05
N HIS A 375 8.99 -17.99 5.01
CA HIS A 375 10.37 -18.43 4.86
C HIS A 375 10.44 -19.95 4.91
N SER A 376 10.71 -20.57 3.76
CA SER A 376 10.90 -22.01 3.63
C SER A 376 11.67 -22.27 2.35
N LYS A 377 12.57 -23.25 2.32
CA LYS A 377 13.25 -23.60 1.06
C LYS A 377 12.56 -24.75 0.34
N ASN A 378 11.37 -25.13 0.83
CA ASN A 378 10.69 -26.35 0.35
C ASN A 378 9.51 -26.06 -0.55
N VAL A 379 9.59 -26.48 -1.81
CA VAL A 379 8.61 -26.09 -2.81
C VAL A 379 7.20 -26.61 -2.47
N ASP A 380 7.10 -27.75 -1.79
CA ASP A 380 5.78 -28.29 -1.44
C ASP A 380 5.16 -27.48 -0.30
N ARG A 381 5.97 -27.21 0.74
CA ARG A 381 5.62 -26.26 1.80
C ARG A 381 5.11 -24.88 1.30
N ILE A 382 5.90 -24.21 0.48
CA ILE A 382 5.47 -22.95 -0.12
C ILE A 382 4.11 -23.11 -0.82
N THR A 383 4.01 -24.15 -1.64
CA THR A 383 2.81 -24.39 -2.42
C THR A 383 1.60 -24.62 -1.51
N THR A 384 1.77 -25.46 -0.50
CA THR A 384 0.71 -25.73 0.48
C THR A 384 0.22 -24.46 1.15
N TYR A 385 1.16 -23.67 1.66
CA TYR A 385 0.86 -22.41 2.33
C TYR A 385 0.18 -21.43 1.37
N ALA A 386 0.78 -21.26 0.20
CA ALA A 386 0.24 -20.36 -0.82
C ALA A 386 -1.21 -20.61 -1.16
N LYS A 387 -1.51 -21.89 -1.38
CA LYS A 387 -2.85 -22.34 -1.72
C LYS A 387 -3.81 -22.04 -0.57
N ALA A 388 -3.42 -22.34 0.66
CA ALA A 388 -4.35 -22.20 1.77
C ALA A 388 -4.52 -20.74 2.20
N ILE A 389 -3.48 -19.92 2.04
CA ILE A 389 -3.58 -18.55 2.53
C ILE A 389 -4.20 -17.58 1.50
N ASP A 390 -3.96 -17.81 0.22
CA ASP A 390 -4.81 -17.25 -0.84
C ASP A 390 -4.90 -15.72 -0.83
N THR A 391 -3.76 -15.08 -0.55
CA THR A 391 -3.62 -13.66 -0.44
C THR A 391 -3.29 -12.98 -1.76
N ALA A 392 -3.65 -11.71 -1.85
CA ALA A 392 -3.26 -10.91 -3.00
C ALA A 392 -1.77 -10.86 -3.17
N ILE A 393 -1.08 -11.07 -2.06
CA ILE A 393 0.37 -10.99 -1.99
C ILE A 393 0.93 -12.09 -1.14
N LEU A 394 1.99 -12.71 -1.66
CA LEU A 394 2.77 -13.73 -0.95
C LEU A 394 4.23 -13.54 -1.22
N VAL A 395 4.99 -13.24 -0.17
CA VAL A 395 6.41 -13.13 -0.35
C VAL A 395 7.06 -14.36 0.26
N LYS A 396 8.01 -14.95 -0.46
CA LYS A 396 8.78 -16.13 -0.04
C LYS A 396 10.24 -15.77 0.17
N ASN A 397 10.75 -15.98 1.38
CA ASN A 397 12.15 -15.74 1.68
C ASN A 397 12.62 -14.33 1.31
N ALA A 398 11.85 -13.29 1.65
CA ALA A 398 12.37 -11.90 1.60
C ALA A 398 11.53 -11.15 2.56
N PRO A 399 11.93 -9.90 2.87
CA PRO A 399 11.03 -8.97 3.57
C PRO A 399 9.79 -8.65 2.75
N SER A 400 8.70 -8.34 3.43
CA SER A 400 7.42 -8.04 2.75
C SER A 400 7.52 -6.98 1.64
N TYR A 401 8.37 -5.98 1.81
CA TYR A 401 8.35 -4.90 0.84
C TYR A 401 8.88 -5.31 -0.52
N ALA A 402 9.41 -6.52 -0.61
CA ALA A 402 9.71 -7.14 -1.89
C ALA A 402 8.45 -7.19 -2.73
N ALA A 403 7.30 -7.19 -2.07
CA ALA A 403 6.05 -7.37 -2.75
C ALA A 403 5.76 -6.21 -3.61
N ILE A 404 6.48 -5.08 -3.38
CA ILE A 404 6.24 -3.88 -4.17
C ILE A 404 7.49 -3.45 -4.89
N GLY A 405 8.42 -4.40 -5.12
CA GLY A 405 9.58 -4.16 -5.95
C GLY A 405 10.83 -3.64 -5.25
N PHE A 406 10.73 -3.38 -3.96
CA PHE A 406 11.92 -3.15 -3.16
C PHE A 406 12.60 -4.51 -2.90
N GLY A 407 13.56 -4.87 -3.74
CA GLY A 407 14.25 -6.14 -3.56
C GLY A 407 13.46 -7.36 -4.03
N GLY A 408 12.47 -7.15 -4.92
CA GLY A 408 11.78 -8.24 -5.60
C GLY A 408 11.31 -7.87 -7.01
N GLU A 409 11.08 -8.86 -7.86
CA GLU A 409 10.70 -8.56 -9.23
C GLU A 409 9.26 -8.04 -9.24
N GLY A 410 8.97 -7.12 -10.15
CA GLY A 410 7.65 -6.55 -10.31
C GLY A 410 7.63 -5.08 -9.89
N PHE A 411 6.56 -4.40 -10.28
CA PHE A 411 6.43 -2.96 -10.07
C PHE A 411 5.92 -2.62 -8.66
N CYS A 412 5.96 -1.34 -8.37
CA CYS A 412 5.49 -0.76 -7.16
C CYS A 412 4.01 -0.32 -7.24
N THR A 413 3.24 -0.59 -6.19
CA THR A 413 2.04 0.18 -5.98
C THR A 413 1.85 0.48 -4.52
N PHE A 414 0.93 1.40 -4.20
CA PHE A 414 0.48 1.63 -2.83
C PHE A 414 -1.02 1.42 -2.65
N THR A 415 -1.66 0.91 -3.70
CA THR A 415 -3.08 0.66 -3.69
C THR A 415 -3.20 -0.80 -4.10
N ILE A 416 -3.23 -1.66 -3.07
CA ILE A 416 -3.32 -3.11 -3.26
C ILE A 416 -4.78 -3.47 -3.07
N ALA A 417 -5.45 -3.75 -4.17
CA ALA A 417 -6.94 -3.92 -4.07
C ALA A 417 -7.38 -5.32 -3.68
N SER A 418 -7.18 -5.69 -2.42
CA SER A 418 -7.37 -7.08 -1.99
C SER A 418 -8.82 -7.49 -1.93
N ARG A 419 -9.69 -6.53 -1.62
CA ARG A 419 -11.10 -6.78 -1.43
C ARG A 419 -11.90 -7.01 -2.73
N THR A 420 -11.67 -6.15 -3.72
CA THR A 420 -12.44 -6.12 -4.96
C THR A 420 -11.70 -6.86 -6.05
N GLY A 421 -10.43 -7.22 -5.77
CA GLY A 421 -9.74 -8.26 -6.49
C GLY A 421 -8.76 -7.92 -7.60
N GLU A 422 -8.50 -6.63 -7.79
CA GLU A 422 -7.62 -6.20 -8.86
C GLU A 422 -6.14 -6.37 -8.44
N GLY A 423 -5.90 -6.67 -7.17
CA GLY A 423 -4.54 -6.90 -6.70
C GLY A 423 -3.72 -5.61 -6.67
N LEU A 424 -2.50 -5.68 -7.14
CA LEU A 424 -1.62 -4.54 -7.08
C LEU A 424 -1.98 -3.56 -8.22
N THR A 425 -2.57 -2.40 -7.90
CA THR A 425 -3.13 -1.57 -8.96
C THR A 425 -2.00 -0.88 -9.72
N SER A 426 -2.26 -0.67 -11.01
CA SER A 426 -1.41 0.11 -11.90
C SER A 426 -2.30 0.76 -12.92
N ALA A 427 -1.69 1.50 -13.82
CA ALA A 427 -2.42 2.22 -14.86
C ALA A 427 -3.51 1.34 -15.53
N SER A 428 -3.14 0.12 -15.89
CA SER A 428 -4.10 -0.76 -16.57
C SER A 428 -5.39 -1.02 -15.76
N THR A 429 -5.30 -1.15 -14.45
CA THR A 429 -6.47 -1.24 -13.56
C THR A 429 -7.49 -0.13 -13.82
N PHE A 430 -6.99 1.08 -14.05
CA PHE A 430 -7.87 2.23 -14.10
C PHE A 430 -8.26 2.57 -15.54
N THR A 431 -8.47 1.54 -16.34
CA THR A 431 -9.01 1.72 -17.69
C THR A 431 -10.22 0.86 -17.94
N LYS A 432 -10.97 1.28 -18.95
CA LYS A 432 -12.07 0.50 -19.52
C LYS A 432 -11.61 -0.28 -20.76
N ARG A 433 -12.06 -1.52 -20.88
CA ARG A 433 -11.71 -2.36 -22.04
C ARG A 433 -12.66 -2.03 -23.19
N ARG A 434 -12.07 -2.01 -24.38
CA ARG A 434 -12.75 -1.61 -25.61
C ARG A 434 -12.40 -2.62 -26.68
N ARG A 435 -13.40 -3.30 -27.20
CA ARG A 435 -13.15 -4.24 -28.30
C ARG A 435 -13.52 -3.56 -29.59
N CYS A 436 -12.66 -3.74 -30.58
CA CYS A 436 -12.80 -3.14 -31.87
C CYS A 436 -12.73 -4.23 -32.89
N VAL A 437 -13.82 -4.45 -33.63
CA VAL A 437 -13.81 -5.59 -34.52
C VAL A 437 -13.76 -5.09 -35.96
N MET A 438 -12.62 -5.26 -36.61
CA MET A 438 -12.45 -4.89 -38.02
C MET A 438 -12.71 -6.12 -38.85
N SER A 439 -13.87 -6.16 -39.48
CA SER A 439 -14.34 -7.38 -40.06
C SER A 439 -13.80 -7.52 -41.47
N ASP A 440 -13.21 -8.68 -41.70
CA ASP A 440 -12.90 -9.18 -43.06
C ASP A 440 -11.86 -8.28 -43.75
N SER A 441 -11.11 -7.54 -42.92
CA SER A 441 -9.94 -6.78 -43.39
C SER A 441 -8.88 -6.68 -42.30
N LEU A 442 -7.66 -6.48 -42.75
CA LEU A 442 -6.49 -6.13 -41.94
C LEU A 442 -5.96 -7.35 -41.16
N CYS A 443 -6.18 -8.54 -41.73
CA CYS A 443 -5.35 -9.71 -41.42
C CYS A 443 -4.41 -9.96 -42.59
N ILE A 444 -3.15 -9.52 -42.45
CA ILE A 444 -2.24 -9.41 -43.57
C ILE A 444 -1.61 -10.76 -43.96
N ARG A 445 -1.95 -11.80 -43.22
CA ARG A 445 -1.25 -13.05 -43.39
C ARG A 445 -1.62 -13.70 -44.72
S SO4 B . 4.73 -32.15 6.26
O1 SO4 B . 3.53 -31.69 5.57
O2 SO4 B . 4.61 -33.59 6.50
O3 SO4 B . 4.83 -31.44 7.54
O4 SO4 B . 5.90 -31.91 5.42
#